data_8ACO
#
_entry.id   8ACO
#
_cell.length_a   65.300
_cell.length_b   74.612
_cell.length_c   78.100
_cell.angle_alpha   90.000
_cell.angle_beta   90.000
_cell.angle_gamma   90.000
#
_symmetry.space_group_name_H-M   'P 21 21 21'
#
loop_
_entity.id
_entity.type
_entity.pdbx_description
1 polymer 'Mitogen-activated protein kinase 14'
2 non-polymer 4-[5-(4-FLUORO-PHENYL)-2-(4-METHANESULFINYL-PHENYL)-3H-IMIDAZOL-4-YL]-PYRIDINE
3 non-polymer 'MAGNESIUM ION'
4 water water
#
_entity_poly.entity_id   1
_entity_poly.type   'polypeptide(L)'
_entity_poly.pdbx_seq_one_letter_code
;MSQERPTFYRQELNKTIWEVPERYQNLSPVGSGAYGSVCAAFDTKTGHRVAVKKLSRPFQSIIHAKRTYRELRLLKHMKH
ENVIGLLDVFTPARSLEEFNDVYLVTHLMGADLNNIVKCQKLTDDHVQFLIYQILRGLKYIHSADIIHRDLKPSNLAVNE
DCELKILDFGLARHTDDEMTGYVATRWYRAPEIMLNWMHYNQTVDIWSVGCIMAELLTGRTLFPGTDHIDQLKLILRLVG
TPGAELLKKISSESARNYIQSLAQMPKMNFANVFIGANPLAVDLLEKMLVLDSDKRITAAQALAHAYFAQYHDPDDEPVA
DPYDQSFESRDLLIDEWKSLTYDEVISFVPPPLDQEEME
;
_entity_poly.pdbx_strand_id   AAA
#
loop_
_chem_comp.id
_chem_comp.type
_chem_comp.name
_chem_comp.formula
MG non-polymer 'MAGNESIUM ION' 'Mg 2'
SB2 non-polymer 4-[5-(4-FLUORO-PHENYL)-2-(4-METHANESULFINYL-PHENYL)-3H-IMIDAZOL-4-YL]-PYRIDINE 'C21 H16 F N3 O S'
#
# COMPACT_ATOMS: atom_id res chain seq x y z
N GLU A 4 23.53 26.17 -2.53
CA GLU A 4 22.48 25.75 -1.55
C GLU A 4 21.18 25.41 -2.28
N ARG A 5 20.97 25.96 -3.49
CA ARG A 5 19.90 25.56 -4.43
C ARG A 5 20.55 25.05 -5.73
N PRO A 6 20.12 23.90 -6.27
CA PRO A 6 20.68 23.38 -7.51
C PRO A 6 20.15 24.11 -8.75
N THR A 7 20.53 23.64 -9.94
CA THR A 7 20.12 24.21 -11.25
C THR A 7 19.05 23.33 -11.88
N PHE A 8 17.86 23.90 -12.11
CA PHE A 8 16.67 23.19 -12.68
C PHE A 8 16.67 23.37 -14.20
N TYR A 9 16.06 22.42 -14.92
CA TYR A 9 15.87 22.50 -16.40
C TYR A 9 14.45 22.06 -16.76
N ARG A 10 13.82 22.81 -17.68
CA ARG A 10 12.45 22.58 -18.20
C ARG A 10 12.44 21.35 -19.11
N GLN A 11 11.25 20.80 -19.37
CA GLN A 11 11.02 19.63 -20.27
C GLN A 11 9.50 19.34 -20.29
N GLU A 12 8.93 19.12 -21.48
CA GLU A 12 7.50 18.79 -21.66
C GLU A 12 7.37 17.38 -22.20
N LEU A 13 6.92 16.43 -21.36
CA LEU A 13 6.71 15.00 -21.71
C LEU A 13 5.20 14.72 -21.78
N ASN A 14 4.70 14.42 -22.99
CA ASN A 14 3.26 14.34 -23.37
C ASN A 14 2.44 15.29 -22.48
N LYS A 15 2.46 16.59 -22.82
CA LYS A 15 1.57 17.65 -22.27
C LYS A 15 1.66 17.65 -20.73
N THR A 16 2.88 17.73 -20.18
CA THR A 16 3.14 17.85 -18.72
C THR A 16 4.52 18.51 -18.50
N ILE A 17 4.55 19.63 -17.77
CA ILE A 17 5.79 20.41 -17.47
C ILE A 17 6.59 19.68 -16.38
N TRP A 18 7.81 19.24 -16.72
CA TRP A 18 8.79 18.62 -15.78
C TRP A 18 9.96 19.58 -15.59
N GLU A 19 10.01 20.27 -14.45
CA GLU A 19 11.16 21.11 -14.02
C GLU A 19 11.84 20.43 -12.81
N VAL A 20 12.99 19.80 -13.05
CA VAL A 20 13.76 18.98 -12.07
C VAL A 20 15.20 19.48 -12.02
N PRO A 21 15.93 19.30 -10.89
CA PRO A 21 17.36 19.57 -10.84
C PRO A 21 18.14 18.78 -11.90
N GLU A 22 19.24 19.36 -12.42
CA GLU A 22 19.98 18.83 -13.59
C GLU A 22 20.66 17.50 -13.25
N ARG A 23 20.83 17.18 -11.96
CA ARG A 23 21.41 15.89 -11.49
C ARG A 23 20.58 14.72 -12.05
N TYR A 24 19.28 14.90 -12.26
CA TYR A 24 18.34 13.87 -12.80
C TYR A 24 18.25 14.05 -14.32
N GLN A 25 18.63 13.02 -15.08
CA GLN A 25 18.75 13.02 -16.57
C GLN A 25 17.89 11.91 -17.17
N ASN A 26 17.74 11.92 -18.51
CA ASN A 26 17.08 10.86 -19.32
C ASN A 26 15.73 10.50 -18.71
N LEU A 27 14.88 11.50 -18.47
CA LEU A 27 13.52 11.32 -17.90
C LEU A 27 12.65 10.58 -18.93
N SER A 28 12.15 9.41 -18.57
CA SER A 28 11.25 8.56 -19.39
C SER A 28 9.97 8.26 -18.61
N PRO A 29 8.78 8.66 -19.10
CA PRO A 29 7.51 8.30 -18.48
C PRO A 29 7.31 6.78 -18.33
N VAL A 30 6.84 6.34 -17.16
CA VAL A 30 6.57 4.91 -16.83
C VAL A 30 5.07 4.70 -16.56
N GLY A 31 4.33 5.77 -16.26
CA GLY A 31 2.87 5.71 -16.01
C GLY A 31 2.33 6.99 -15.38
N SER A 32 1.00 7.10 -15.28
CA SER A 32 0.26 8.26 -14.75
C SER A 32 -1.12 7.83 -14.26
N GLY A 33 -1.76 8.63 -13.40
CA GLY A 33 -3.11 8.37 -12.86
C GLY A 33 -3.57 9.47 -11.91
N ALA A 34 -4.35 9.11 -10.89
CA ALA A 34 -4.90 10.04 -9.86
C ALA A 34 -3.76 10.51 -8.94
N TYR A 35 -2.93 9.57 -8.48
CA TYR A 35 -1.69 9.81 -7.67
C TYR A 35 -0.85 10.94 -8.28
N GLY A 36 -0.60 10.88 -9.60
CA GLY A 36 0.25 11.85 -10.33
C GLY A 36 1.00 11.19 -11.48
N SER A 37 2.01 11.88 -12.00
CA SER A 37 2.87 11.43 -13.13
C SER A 37 4.23 10.98 -12.59
N VAL A 38 4.69 9.80 -12.98
CA VAL A 38 6.01 9.25 -12.57
C VAL A 38 6.89 9.11 -13.82
N CYS A 39 8.19 9.41 -13.67
CA CYS A 39 9.23 9.25 -14.71
C CYS A 39 10.41 8.44 -14.14
N ALA A 40 10.93 7.47 -14.90
CA ALA A 40 12.25 6.86 -14.68
C ALA A 40 13.31 7.90 -15.05
N ALA A 41 14.50 7.84 -14.45
CA ALA A 41 15.58 8.84 -14.60
C ALA A 41 16.90 8.29 -14.07
N PHE A 42 18.03 8.85 -14.53
CA PHE A 42 19.39 8.53 -14.03
C PHE A 42 19.85 9.64 -13.09
N ASP A 43 20.15 9.29 -11.83
CA ASP A 43 20.64 10.21 -10.78
C ASP A 43 22.17 10.26 -10.86
N THR A 44 22.73 11.37 -11.34
CA THR A 44 24.18 11.55 -11.61
C THR A 44 24.95 11.68 -10.30
N LYS A 45 24.29 12.09 -9.21
CA LYS A 45 24.91 12.26 -7.87
C LYS A 45 25.22 10.88 -7.28
N THR A 46 24.20 10.02 -7.11
CA THR A 46 24.30 8.67 -6.51
C THR A 46 24.72 7.64 -7.57
N GLY A 47 24.28 7.82 -8.81
CA GLY A 47 24.64 6.97 -9.96
C GLY A 47 23.66 5.83 -10.19
N HIS A 48 22.59 5.75 -9.39
CA HIS A 48 21.55 4.68 -9.45
C HIS A 48 20.34 5.18 -10.24
N ARG A 49 19.48 4.25 -10.67
CA ARG A 49 18.21 4.56 -11.40
C ARG A 49 17.13 4.93 -10.38
N VAL A 50 16.46 6.06 -10.59
CA VAL A 50 15.44 6.62 -9.65
C VAL A 50 14.10 6.75 -10.39
N ALA A 51 13.02 6.90 -9.63
CA ALA A 51 11.66 7.27 -10.10
C ALA A 51 11.32 8.65 -9.54
N VAL A 52 10.93 9.59 -10.42
CA VAL A 52 10.51 10.96 -10.03
C VAL A 52 8.99 11.05 -10.21
N LYS A 53 8.26 11.24 -9.11
CA LYS A 53 6.79 11.45 -9.10
C LYS A 53 6.50 12.95 -8.98
N LYS A 54 5.74 13.51 -9.92
CA LYS A 54 5.17 14.87 -9.82
C LYS A 54 3.71 14.74 -9.36
N LEU A 55 3.41 15.27 -8.17
CA LEU A 55 2.03 15.27 -7.61
C LEU A 55 1.11 16.00 -8.61
N SER A 56 -0.07 15.41 -8.88
CA SER A 56 -1.14 16.00 -9.72
C SER A 56 -1.99 16.95 -8.87
N ARG A 57 -2.06 18.24 -9.28
CA ARG A 57 -2.97 19.25 -8.68
C ARG A 57 -2.88 19.20 -7.17
N PRO A 58 -1.68 19.43 -6.58
CA PRO A 58 -1.45 19.18 -5.16
C PRO A 58 -2.22 20.07 -4.18
N PHE A 59 -2.66 21.27 -4.60
CA PHE A 59 -3.30 22.29 -3.71
C PHE A 59 -4.57 22.86 -4.35
N GLN A 60 -5.38 22.01 -4.99
CA GLN A 60 -6.60 22.45 -5.71
C GLN A 60 -7.82 22.39 -4.76
N SER A 61 -7.63 21.89 -3.55
CA SER A 61 -8.65 21.90 -2.47
C SER A 61 -7.98 21.62 -1.11
N ILE A 62 -8.74 21.73 -0.01
CA ILE A 62 -8.25 21.44 1.36
C ILE A 62 -7.95 19.94 1.48
N ILE A 63 -8.73 19.10 0.78
CA ILE A 63 -8.52 17.62 0.72
C ILE A 63 -7.16 17.33 0.07
N HIS A 64 -6.95 17.84 -1.15
CA HIS A 64 -5.69 17.69 -1.95
C HIS A 64 -4.50 18.20 -1.13
N ALA A 65 -4.56 19.44 -0.67
CA ALA A 65 -3.50 20.14 0.08
C ALA A 65 -3.14 19.35 1.35
N LYS A 66 -4.14 18.83 2.06
CA LYS A 66 -3.95 18.00 3.28
C LYS A 66 -3.41 16.62 2.88
N ARG A 67 -3.92 16.05 1.78
CA ARG A 67 -3.49 14.74 1.21
C ARG A 67 -2.02 14.82 0.78
N THR A 68 -1.63 15.94 0.18
CA THR A 68 -0.24 16.24 -0.27
C THR A 68 0.68 16.28 0.96
N TYR A 69 0.28 16.99 2.01
CA TYR A 69 1.02 17.10 3.29
C TYR A 69 1.18 15.71 3.92
N ARG A 70 0.10 14.93 3.95
CA ARG A 70 0.05 13.54 4.50
C ARG A 70 1.10 12.68 3.80
N GLU A 71 1.09 12.64 2.47
CA GLU A 71 2.00 11.77 1.66
C GLU A 71 3.46 12.16 1.95
N LEU A 72 3.76 13.46 1.97
CA LEU A 72 5.13 13.95 2.24
C LEU A 72 5.56 13.54 3.66
N ARG A 73 4.67 13.68 4.65
CA ARG A 73 4.97 13.34 6.06
C ARG A 73 5.22 11.84 6.20
N LEU A 74 4.30 11.02 5.70
CA LEU A 74 4.44 9.53 5.67
C LEU A 74 5.78 9.15 5.01
N LEU A 75 6.00 9.55 3.75
CA LEU A 75 7.15 9.09 2.94
C LEU A 75 8.48 9.47 3.62
N LYS A 76 8.54 10.63 4.28
CA LYS A 76 9.74 11.10 5.03
C LYS A 76 9.97 10.23 6.26
N HIS A 77 8.93 9.57 6.79
CA HIS A 77 8.98 8.75 8.04
C HIS A 77 9.52 7.34 7.76
N MET A 78 9.26 6.78 6.56
CA MET A 78 9.48 5.35 6.26
C MET A 78 10.97 5.08 6.04
N LYS A 79 11.59 4.32 6.95
CA LYS A 79 12.97 3.75 6.83
C LYS A 79 12.89 2.23 7.00
N HIS A 80 12.66 1.50 5.90
CA HIS A 80 12.43 0.03 5.88
C HIS A 80 12.57 -0.47 4.45
N GLU A 81 13.16 -1.65 4.27
CA GLU A 81 13.58 -2.21 2.95
C GLU A 81 12.35 -2.53 2.09
N ASN A 82 11.20 -2.83 2.70
CA ASN A 82 9.96 -3.28 2.01
C ASN A 82 8.91 -2.15 1.99
N VAL A 83 9.36 -0.89 2.10
CA VAL A 83 8.51 0.33 2.04
C VAL A 83 9.29 1.42 1.29
N ILE A 84 8.63 2.17 0.41
CA ILE A 84 9.26 3.25 -0.40
C ILE A 84 9.94 4.25 0.55
N GLY A 85 11.23 4.53 0.31
CA GLY A 85 12.00 5.59 0.98
C GLY A 85 12.23 6.77 0.05
N LEU A 86 12.20 7.99 0.59
CA LEU A 86 12.49 9.23 -0.17
C LEU A 86 14.01 9.42 -0.27
N LEU A 87 14.54 9.47 -1.51
CA LEU A 87 15.94 9.85 -1.82
C LEU A 87 16.03 11.38 -1.90
N ASP A 88 15.00 12.03 -2.44
CA ASP A 88 14.91 13.50 -2.59
C ASP A 88 13.45 13.94 -2.67
N VAL A 89 13.15 15.11 -2.11
CA VAL A 89 11.91 15.90 -2.35
C VAL A 89 12.33 17.33 -2.65
N PHE A 90 11.73 17.94 -3.67
CA PHE A 90 12.14 19.28 -4.19
C PHE A 90 10.95 19.96 -4.89
N THR A 91 11.05 21.29 -5.00
CA THR A 91 10.15 22.15 -5.81
C THR A 91 11.00 23.13 -6.60
N PRO A 92 10.65 23.45 -7.86
CA PRO A 92 11.32 24.51 -8.61
C PRO A 92 11.16 25.90 -7.97
N ALA A 93 10.03 26.16 -7.30
CA ALA A 93 9.65 27.46 -6.71
C ALA A 93 10.70 27.92 -5.69
N ARG A 94 11.13 29.19 -5.79
CA ARG A 94 12.22 29.79 -4.96
C ARG A 94 11.67 30.26 -3.61
N SER A 95 10.34 30.27 -3.43
CA SER A 95 9.68 30.71 -2.17
C SER A 95 8.23 30.18 -2.10
N LEU A 96 7.64 30.23 -0.90
CA LEU A 96 6.25 29.81 -0.59
C LEU A 96 5.24 30.55 -1.48
N GLU A 97 5.57 31.79 -1.87
CA GLU A 97 4.67 32.69 -2.64
C GLU A 97 4.34 32.06 -4.00
N GLU A 98 5.30 31.37 -4.60
CA GLU A 98 5.20 30.79 -5.98
C GLU A 98 5.31 29.26 -5.92
N PHE A 99 5.13 28.66 -4.74
CA PHE A 99 5.22 27.20 -4.50
C PHE A 99 3.92 26.52 -4.94
N ASN A 100 3.93 25.90 -6.12
CA ASN A 100 2.74 25.32 -6.78
C ASN A 100 2.88 23.81 -6.96
N ASP A 101 4.09 23.30 -7.22
CA ASP A 101 4.35 21.88 -7.60
C ASP A 101 5.31 21.21 -6.62
N VAL A 102 5.15 19.89 -6.42
CA VAL A 102 5.94 19.04 -5.50
C VAL A 102 6.37 17.78 -6.26
N TYR A 103 7.67 17.44 -6.21
CA TYR A 103 8.29 16.24 -6.82
C TYR A 103 8.83 15.33 -5.71
N LEU A 104 8.60 14.02 -5.84
CA LEU A 104 9.12 12.97 -4.91
C LEU A 104 10.04 12.05 -5.68
N VAL A 105 11.16 11.63 -5.07
CA VAL A 105 12.21 10.79 -5.71
C VAL A 105 12.50 9.58 -4.82
N THR A 106 12.45 8.39 -5.42
CA THR A 106 12.77 7.09 -4.78
C THR A 106 13.48 6.23 -5.83
N HIS A 107 14.12 5.13 -5.43
CA HIS A 107 14.83 4.20 -6.34
C HIS A 107 13.81 3.56 -7.28
N LEU A 108 14.15 3.42 -8.57
CA LEU A 108 13.26 2.85 -9.62
C LEU A 108 12.96 1.39 -9.31
N MET A 109 11.69 1.00 -9.42
CA MET A 109 11.20 -0.39 -9.29
C MET A 109 10.56 -0.79 -10.64
N GLY A 110 11.16 -1.78 -11.32
CA GLY A 110 10.88 -2.15 -12.72
C GLY A 110 9.42 -2.54 -12.96
N ALA A 111 8.74 -3.10 -11.95
CA ALA A 111 7.40 -3.72 -12.10
C ALA A 111 6.66 -3.75 -10.75
N ASP A 112 5.57 -4.52 -10.68
CA ASP A 112 4.70 -4.70 -9.49
C ASP A 112 4.22 -6.17 -9.47
N LEU A 113 3.27 -6.52 -8.61
CA LEU A 113 2.78 -7.91 -8.43
C LEU A 113 1.85 -8.34 -9.57
N ASN A 114 1.34 -7.40 -10.37
CA ASN A 114 0.58 -7.70 -11.62
C ASN A 114 1.54 -8.35 -12.63
N ASN A 115 2.81 -7.94 -12.65
CA ASN A 115 3.82 -8.34 -13.65
C ASN A 115 4.48 -9.66 -13.22
N ILE A 116 5.43 -9.61 -12.27
CA ILE A 116 6.11 -10.78 -11.66
C ILE A 116 6.28 -11.90 -12.70
N VAL A 117 7.23 -11.72 -13.62
CA VAL A 117 7.74 -12.79 -14.54
C VAL A 117 9.20 -13.10 -14.17
N LYS A 118 9.85 -12.17 -13.45
CA LYS A 118 11.28 -12.22 -13.07
C LYS A 118 11.48 -13.12 -11.84
N CYS A 119 10.40 -13.52 -11.17
CA CYS A 119 10.44 -14.17 -9.83
C CYS A 119 9.80 -15.57 -9.83
N GLN A 120 9.06 -15.94 -10.88
CA GLN A 120 8.23 -17.17 -10.90
C GLN A 120 9.08 -18.43 -11.09
N LYS A 121 8.74 -19.51 -10.38
CA LYS A 121 9.28 -20.89 -10.57
C LYS A 121 8.17 -21.91 -10.31
N LEU A 122 8.29 -23.13 -10.87
CA LEU A 122 7.19 -24.13 -10.97
C LEU A 122 6.63 -24.45 -9.58
N THR A 123 7.48 -24.50 -8.54
CA THR A 123 7.11 -24.85 -7.14
C THR A 123 6.27 -23.72 -6.52
N ASP A 124 6.40 -22.49 -7.04
CA ASP A 124 5.71 -21.26 -6.54
C ASP A 124 6.28 -20.93 -5.14
N ASP A 125 7.58 -21.15 -4.95
CA ASP A 125 8.34 -20.77 -3.73
C ASP A 125 8.65 -19.28 -3.76
N HIS A 126 8.36 -18.62 -4.89
CA HIS A 126 8.44 -17.15 -5.06
C HIS A 126 7.38 -16.48 -4.17
N VAL A 127 6.16 -17.03 -4.17
CA VAL A 127 4.98 -16.52 -3.41
C VAL A 127 5.41 -16.26 -1.96
N GLN A 128 6.09 -17.23 -1.36
CA GLN A 128 6.54 -17.21 0.06
C GLN A 128 7.35 -15.93 0.31
N PHE A 129 8.33 -15.66 -0.56
CA PHE A 129 9.29 -14.52 -0.44
C PHE A 129 8.54 -13.20 -0.65
N LEU A 130 7.61 -13.17 -1.62
CA LEU A 130 6.82 -11.99 -2.01
C LEU A 130 5.85 -11.60 -0.88
N ILE A 131 5.10 -12.56 -0.35
CA ILE A 131 4.14 -12.27 0.78
C ILE A 131 4.97 -11.91 2.03
N TYR A 132 6.05 -12.65 2.29
CA TYR A 132 6.96 -12.38 3.44
C TYR A 132 7.30 -10.89 3.47
N GLN A 133 7.80 -10.37 2.34
CA GLN A 133 8.27 -8.96 2.22
C GLN A 133 7.11 -8.01 2.52
N ILE A 134 5.90 -8.29 2.01
CA ILE A 134 4.66 -7.50 2.27
C ILE A 134 4.42 -7.43 3.78
N LEU A 135 4.35 -8.60 4.43
CA LEU A 135 4.08 -8.72 5.88
C LEU A 135 5.17 -7.99 6.67
N ARG A 136 6.42 -8.10 6.22
CA ARG A 136 7.59 -7.48 6.88
C ARG A 136 7.41 -5.96 6.89
N GLY A 137 6.92 -5.40 5.78
CA GLY A 137 6.67 -3.94 5.61
C GLY A 137 5.39 -3.51 6.32
N LEU A 138 4.40 -4.39 6.39
CA LEU A 138 3.12 -4.12 7.09
C LEU A 138 3.37 -4.07 8.60
N LYS A 139 4.12 -5.03 9.16
CA LYS A 139 4.53 -5.03 10.58
C LYS A 139 5.07 -3.65 10.95
N TYR A 140 6.01 -3.14 10.15
CA TYR A 140 6.68 -1.83 10.32
C TYR A 140 5.64 -0.70 10.25
N ILE A 141 4.90 -0.64 9.14
CA ILE A 141 3.83 0.37 8.90
C ILE A 141 2.86 0.35 10.08
N HIS A 142 2.33 -0.83 10.41
CA HIS A 142 1.31 -1.04 11.49
C HIS A 142 1.85 -0.67 12.86
N SER A 143 3.17 -0.79 13.07
CA SER A 143 3.86 -0.48 14.35
C SER A 143 3.85 1.03 14.64
N ALA A 144 3.66 1.88 13.62
CA ALA A 144 3.59 3.35 13.75
C ALA A 144 2.13 3.82 13.77
N ASP A 145 1.17 2.88 13.83
CA ASP A 145 -0.30 3.15 13.83
C ASP A 145 -0.74 3.63 12.43
N ILE A 146 0.02 3.29 11.38
CA ILE A 146 -0.34 3.57 9.96
C ILE A 146 -1.02 2.32 9.39
N ILE A 147 -2.14 2.50 8.69
CA ILE A 147 -2.89 1.44 7.95
C ILE A 147 -2.98 1.85 6.48
N HIS A 148 -2.68 0.95 5.55
CA HIS A 148 -2.71 1.23 4.09
C HIS A 148 -4.16 1.44 3.63
N ARG A 149 -5.03 0.46 3.87
CA ARG A 149 -6.50 0.46 3.59
C ARG A 149 -6.77 -0.02 2.16
N ASP A 150 -6.07 0.53 1.15
CA ASP A 150 -6.34 0.25 -0.28
C ASP A 150 -5.19 -0.57 -0.86
N LEU A 151 -4.79 -1.65 -0.19
CA LEU A 151 -3.65 -2.52 -0.59
C LEU A 151 -4.09 -3.43 -1.75
N LYS A 152 -3.33 -3.44 -2.85
CA LYS A 152 -3.60 -4.26 -4.05
C LYS A 152 -2.32 -4.43 -4.86
N PRO A 153 -2.26 -5.43 -5.77
CA PRO A 153 -1.03 -5.76 -6.51
C PRO A 153 -0.27 -4.62 -7.21
N SER A 154 -0.92 -3.52 -7.60
CA SER A 154 -0.28 -2.36 -8.29
C SER A 154 0.37 -1.41 -7.26
N ASN A 155 0.00 -1.52 -5.98
CA ASN A 155 0.60 -0.75 -4.87
C ASN A 155 1.96 -1.34 -4.47
N LEU A 156 2.24 -2.60 -4.86
CA LEU A 156 3.43 -3.36 -4.41
C LEU A 156 4.45 -3.49 -5.55
N ALA A 157 5.49 -2.67 -5.52
CA ALA A 157 6.55 -2.60 -6.56
C ALA A 157 7.54 -3.76 -6.34
N VAL A 158 8.17 -4.22 -7.42
CA VAL A 158 9.24 -5.26 -7.39
C VAL A 158 10.31 -4.92 -8.44
N ASN A 159 11.56 -5.30 -8.16
CA ASN A 159 12.79 -5.06 -8.98
CA ASN A 159 12.70 -5.01 -9.08
C ASN A 159 13.08 -6.29 -9.83
N GLU A 160 14.21 -6.27 -10.54
CA GLU A 160 14.81 -7.45 -11.21
C GLU A 160 15.24 -8.47 -10.15
N ASP A 161 15.62 -8.01 -8.94
CA ASP A 161 16.10 -8.85 -7.80
C ASP A 161 14.92 -9.45 -7.03
N CYS A 162 13.68 -9.06 -7.36
CA CYS A 162 12.43 -9.47 -6.67
C CYS A 162 12.42 -8.95 -5.22
N GLU A 163 13.04 -7.79 -4.99
CA GLU A 163 12.84 -6.96 -3.78
C GLU A 163 11.46 -6.32 -3.93
N LEU A 164 10.63 -6.35 -2.88
CA LEU A 164 9.23 -5.84 -2.93
C LEU A 164 9.07 -4.67 -1.96
N LYS A 165 8.41 -3.59 -2.39
CA LYS A 165 8.15 -2.37 -1.58
C LYS A 165 6.69 -1.92 -1.75
N ILE A 166 6.13 -1.35 -0.68
CA ILE A 166 4.76 -0.75 -0.63
C ILE A 166 4.86 0.74 -0.97
N LEU A 167 3.84 1.30 -1.65
CA LEU A 167 3.73 2.76 -1.94
C LEU A 167 2.25 3.21 -2.01
N ASP A 168 2.04 4.52 -2.23
CA ASP A 168 0.77 5.30 -2.09
C ASP A 168 -0.17 4.61 -1.07
N PHE A 169 -0.13 5.09 0.17
CA PHE A 169 -0.91 4.57 1.33
C PHE A 169 -2.32 5.15 1.31
N THR A 185 -9.02 -2.74 -7.17
CA THR A 185 -10.44 -2.35 -7.33
C THR A 185 -11.06 -2.20 -5.94
N ARG A 186 -12.13 -2.93 -5.65
CA ARG A 186 -12.64 -3.20 -4.27
C ARG A 186 -12.45 -4.68 -3.97
N TRP A 187 -11.74 -5.39 -4.85
CA TRP A 187 -11.57 -6.87 -4.85
C TRP A 187 -10.80 -7.31 -3.60
N TYR A 188 -9.83 -6.48 -3.17
CA TYR A 188 -8.86 -6.79 -2.09
C TYR A 188 -9.28 -6.09 -0.79
N ARG A 189 -10.38 -5.34 -0.80
CA ARG A 189 -10.80 -4.52 0.35
C ARG A 189 -11.49 -5.42 1.38
N ALA A 190 -11.08 -5.31 2.65
CA ALA A 190 -11.65 -6.04 3.80
C ALA A 190 -13.13 -5.71 3.90
N PRO A 191 -14.03 -6.70 4.06
CA PRO A 191 -15.47 -6.45 4.02
C PRO A 191 -15.94 -5.46 5.08
N GLU A 192 -15.19 -5.32 6.18
CA GLU A 192 -15.53 -4.43 7.32
C GLU A 192 -15.42 -2.94 6.90
N ILE A 193 -14.58 -2.59 5.92
CA ILE A 193 -14.36 -1.17 5.48
C ILE A 193 -15.09 -0.89 4.16
N MET A 194 -15.60 -1.93 3.48
CA MET A 194 -16.52 -1.77 2.32
C MET A 194 -17.86 -1.21 2.82
N LEU A 195 -18.20 -1.48 4.08
CA LEU A 195 -19.55 -1.31 4.67
C LEU A 195 -19.44 -0.56 6.01
N ASN A 196 -18.59 -1.04 6.92
CA ASN A 196 -18.19 -0.39 8.20
C ASN A 196 -19.15 -0.86 9.32
N TRP A 197 -18.84 -2.03 9.90
CA TRP A 197 -19.57 -2.63 11.05
C TRP A 197 -18.91 -2.20 12.36
N MET A 198 -17.61 -2.50 12.47
CA MET A 198 -16.79 -2.32 13.70
C MET A 198 -15.73 -1.23 13.42
N HIS A 199 -15.05 -0.76 14.47
CA HIS A 199 -13.91 0.18 14.35
CA HIS A 199 -13.90 0.18 14.36
C HIS A 199 -12.73 -0.57 13.70
N TYR A 200 -12.70 -0.57 12.37
CA TYR A 200 -11.73 -1.31 11.53
C TYR A 200 -10.30 -1.01 12.02
N ASN A 201 -9.51 -2.06 12.21
CA ASN A 201 -8.14 -2.02 12.77
C ASN A 201 -7.13 -2.29 11.64
N GLN A 202 -5.85 -2.42 12.00
CA GLN A 202 -4.73 -2.68 11.06
C GLN A 202 -5.04 -3.88 10.15
N THR A 203 -5.68 -4.92 10.70
CA THR A 203 -5.87 -6.26 10.07
C THR A 203 -6.69 -6.17 8.77
N VAL A 204 -7.22 -5.00 8.40
CA VAL A 204 -7.85 -4.75 7.06
C VAL A 204 -6.81 -5.07 5.97
N ASP A 205 -5.54 -4.72 6.19
CA ASP A 205 -4.43 -4.90 5.23
C ASP A 205 -4.12 -6.39 5.10
N ILE A 206 -4.17 -7.14 6.21
CA ILE A 206 -3.88 -8.60 6.23
C ILE A 206 -4.90 -9.34 5.36
N TRP A 207 -6.14 -8.83 5.32
CA TRP A 207 -7.20 -9.37 4.42
C TRP A 207 -6.75 -9.24 2.95
N SER A 208 -6.30 -8.03 2.58
CA SER A 208 -5.82 -7.68 1.21
C SER A 208 -4.65 -8.58 0.82
N VAL A 209 -3.73 -8.85 1.75
CA VAL A 209 -2.58 -9.77 1.56
C VAL A 209 -3.15 -11.17 1.28
N GLY A 210 -4.19 -11.55 2.02
CA GLY A 210 -4.93 -12.81 1.79
C GLY A 210 -5.34 -12.96 0.33
N CYS A 211 -6.07 -11.96 -0.18
CA CYS A 211 -6.64 -11.94 -1.56
C CYS A 211 -5.50 -11.90 -2.60
N ILE A 212 -4.43 -11.18 -2.28
CA ILE A 212 -3.19 -11.09 -3.11
C ILE A 212 -2.52 -12.47 -3.15
N MET A 213 -2.13 -13.00 -1.99
CA MET A 213 -1.47 -14.31 -1.85
C MET A 213 -2.21 -15.34 -2.70
N ALA A 214 -3.51 -15.51 -2.45
CA ALA A 214 -4.42 -16.45 -3.14
C ALA A 214 -4.28 -16.29 -4.66
N GLU A 215 -4.38 -15.04 -5.14
CA GLU A 215 -4.31 -14.66 -6.58
C GLU A 215 -2.97 -15.10 -7.17
N LEU A 216 -1.88 -15.02 -6.38
CA LEU A 216 -0.51 -15.43 -6.81
C LEU A 216 -0.41 -16.96 -6.92
N LEU A 217 -1.24 -17.69 -6.17
CA LEU A 217 -1.21 -19.18 -6.04
C LEU A 217 -2.13 -19.84 -7.07
N THR A 218 -3.26 -19.22 -7.40
CA THR A 218 -4.29 -19.74 -8.35
C THR A 218 -4.10 -19.12 -9.75
N GLY A 219 -3.76 -17.83 -9.82
CA GLY A 219 -3.69 -17.06 -11.08
C GLY A 219 -4.92 -16.19 -11.29
N ARG A 220 -6.06 -16.56 -10.71
CA ARG A 220 -7.36 -15.84 -10.82
C ARG A 220 -7.54 -14.92 -9.60
N THR A 221 -8.20 -13.78 -9.81
CA THR A 221 -8.74 -12.92 -8.72
C THR A 221 -9.63 -13.77 -7.81
N LEU A 222 -9.42 -13.71 -6.50
CA LEU A 222 -10.18 -14.50 -5.51
C LEU A 222 -11.64 -14.03 -5.51
N PHE A 223 -11.85 -12.73 -5.36
CA PHE A 223 -13.19 -12.08 -5.25
C PHE A 223 -13.31 -10.97 -6.28
N PRO A 224 -13.59 -11.29 -7.57
CA PRO A 224 -13.72 -10.27 -8.62
C PRO A 224 -15.13 -9.67 -8.74
N GLY A 225 -15.64 -9.08 -7.65
CA GLY A 225 -17.02 -8.56 -7.54
C GLY A 225 -17.26 -7.34 -8.43
N THR A 226 -18.47 -7.24 -9.00
CA THR A 226 -18.89 -6.18 -9.97
C THR A 226 -19.46 -4.97 -9.23
N ASP A 227 -19.65 -5.05 -7.90
CA ASP A 227 -20.09 -3.92 -7.03
C ASP A 227 -20.06 -4.38 -5.56
N HIS A 228 -20.38 -3.47 -4.63
CA HIS A 228 -20.35 -3.71 -3.15
C HIS A 228 -21.32 -4.84 -2.76
N ILE A 229 -22.43 -4.98 -3.49
CA ILE A 229 -23.42 -6.08 -3.30
C ILE A 229 -22.74 -7.41 -3.69
N ASP A 230 -22.28 -7.51 -4.93
CA ASP A 230 -21.65 -8.71 -5.53
C ASP A 230 -20.37 -9.08 -4.76
N GLN A 231 -19.64 -8.07 -4.26
CA GLN A 231 -18.34 -8.25 -3.56
C GLN A 231 -18.57 -8.98 -2.24
N LEU A 232 -19.57 -8.55 -1.45
CA LEU A 232 -19.90 -9.20 -0.15
C LEU A 232 -20.51 -10.59 -0.41
N LYS A 233 -21.24 -10.75 -1.51
CA LYS A 233 -21.84 -12.05 -1.92
C LYS A 233 -20.72 -13.07 -2.11
N LEU A 234 -19.65 -12.69 -2.81
CA LEU A 234 -18.50 -13.56 -3.19
C LEU A 234 -17.64 -13.89 -1.96
N ILE A 235 -17.44 -12.92 -1.06
CA ILE A 235 -16.64 -13.08 0.20
C ILE A 235 -17.34 -14.08 1.12
N LEU A 236 -18.67 -13.96 1.30
CA LEU A 236 -19.47 -14.81 2.21
C LEU A 236 -19.63 -16.22 1.64
N ARG A 237 -19.62 -16.36 0.31
CA ARG A 237 -19.65 -17.68 -0.38
C ARG A 237 -18.49 -18.55 0.14
N LEU A 238 -17.30 -17.97 0.33
CA LEU A 238 -16.06 -18.68 0.75
C LEU A 238 -16.01 -18.83 2.28
N VAL A 239 -16.19 -17.73 3.02
CA VAL A 239 -15.92 -17.67 4.48
C VAL A 239 -17.22 -17.84 5.29
N GLY A 240 -18.38 -18.03 4.63
CA GLY A 240 -19.69 -18.26 5.26
C GLY A 240 -20.23 -17.00 5.92
N THR A 241 -21.55 -16.89 6.10
CA THR A 241 -22.23 -15.73 6.72
C THR A 241 -21.75 -15.58 8.16
N PRO A 242 -21.74 -14.35 8.72
CA PRO A 242 -21.34 -14.13 10.11
C PRO A 242 -22.05 -15.05 11.11
N GLY A 243 -21.30 -15.59 12.08
CA GLY A 243 -21.82 -16.44 13.17
C GLY A 243 -22.49 -15.60 14.25
N ALA A 244 -22.96 -16.25 15.31
CA ALA A 244 -23.66 -15.62 16.47
C ALA A 244 -22.77 -14.54 17.08
N GLU A 245 -21.50 -14.85 17.34
CA GLU A 245 -20.56 -14.00 18.12
C GLU A 245 -20.05 -12.82 17.28
N LEU A 246 -20.10 -12.92 15.94
CA LEU A 246 -19.67 -11.84 15.02
C LEU A 246 -20.82 -10.86 14.77
N LEU A 247 -22.04 -11.37 14.57
CA LEU A 247 -23.29 -10.56 14.43
C LEU A 247 -23.42 -9.57 15.60
N LYS A 248 -23.05 -10.02 16.80
CA LYS A 248 -23.13 -9.27 18.09
C LYS A 248 -22.41 -7.92 18.00
N LYS A 249 -21.28 -7.86 17.29
CA LYS A 249 -20.29 -6.74 17.37
C LYS A 249 -20.49 -5.73 16.24
N ILE A 250 -21.55 -5.87 15.44
CA ILE A 250 -21.91 -4.97 14.31
C ILE A 250 -22.85 -3.87 14.84
N SER A 251 -22.35 -2.64 14.96
CA SER A 251 -23.02 -1.48 15.59
C SER A 251 -23.99 -0.81 14.61
N SER A 252 -23.81 -1.04 13.30
CA SER A 252 -24.66 -0.51 12.20
C SER A 252 -25.85 -1.44 11.98
N GLU A 253 -27.08 -0.91 12.03
CA GLU A 253 -28.33 -1.69 11.84
C GLU A 253 -28.49 -2.03 10.36
N SER A 254 -28.21 -1.08 9.46
CA SER A 254 -28.21 -1.27 7.98
C SER A 254 -27.50 -2.58 7.64
N ALA A 255 -26.26 -2.73 8.10
CA ALA A 255 -25.37 -3.90 7.83
C ALA A 255 -25.96 -5.16 8.47
N ARG A 256 -26.39 -5.07 9.73
CA ARG A 256 -26.96 -6.21 10.51
C ARG A 256 -28.27 -6.67 9.85
N ASN A 257 -28.97 -5.75 9.18
CA ASN A 257 -30.18 -6.02 8.36
C ASN A 257 -29.74 -6.63 7.03
N TYR A 258 -28.88 -5.92 6.29
CA TYR A 258 -28.18 -6.35 5.06
C TYR A 258 -27.90 -7.85 5.10
N ILE A 259 -27.26 -8.30 6.19
CA ILE A 259 -26.58 -9.64 6.30
C ILE A 259 -27.56 -10.71 6.77
N GLN A 260 -28.33 -10.43 7.83
CA GLN A 260 -29.31 -11.38 8.44
C GLN A 260 -30.48 -11.66 7.48
N SER A 261 -30.71 -10.77 6.51
CA SER A 261 -31.77 -10.88 5.48
C SER A 261 -31.34 -11.82 4.34
N LEU A 262 -30.06 -12.21 4.33
CA LEU A 262 -29.46 -13.12 3.30
C LEU A 262 -29.52 -14.56 3.83
N ALA A 263 -29.69 -15.53 2.92
CA ALA A 263 -29.71 -16.98 3.20
C ALA A 263 -28.34 -17.38 3.79
N GLN A 264 -28.36 -18.18 4.87
CA GLN A 264 -27.13 -18.59 5.62
C GLN A 264 -26.22 -19.39 4.67
N MET A 265 -24.97 -18.91 4.49
CA MET A 265 -23.90 -19.56 3.71
C MET A 265 -22.96 -20.25 4.68
N PRO A 266 -22.51 -21.50 4.39
CA PRO A 266 -21.49 -22.16 5.22
C PRO A 266 -20.06 -21.75 4.81
N LYS A 267 -19.15 -21.70 5.78
CA LYS A 267 -17.70 -21.53 5.53
C LYS A 267 -17.20 -22.77 4.77
N MET A 268 -16.65 -22.57 3.56
CA MET A 268 -16.15 -23.66 2.68
C MET A 268 -14.84 -24.24 3.24
N ASN A 269 -14.46 -25.42 2.76
CA ASN A 269 -13.14 -26.06 3.02
C ASN A 269 -12.10 -25.40 2.09
N PHE A 270 -11.06 -24.80 2.67
CA PHE A 270 -10.02 -24.02 1.95
C PHE A 270 -9.13 -24.97 1.14
N ALA A 271 -8.85 -26.16 1.68
CA ALA A 271 -8.05 -27.23 1.02
C ALA A 271 -8.68 -27.62 -0.32
N ASN A 272 -10.02 -27.65 -0.40
CA ASN A 272 -10.79 -28.02 -1.62
C ASN A 272 -10.78 -26.86 -2.61
N VAL A 273 -10.84 -25.62 -2.11
CA VAL A 273 -10.89 -24.39 -2.94
C VAL A 273 -9.50 -24.13 -3.55
N PHE A 274 -8.45 -24.17 -2.74
CA PHE A 274 -7.04 -23.87 -3.12
C PHE A 274 -6.28 -25.19 -3.38
N ILE A 275 -6.88 -26.07 -4.19
CA ILE A 275 -6.42 -27.48 -4.37
C ILE A 275 -5.11 -27.47 -5.18
N GLY A 276 -4.10 -28.21 -4.70
CA GLY A 276 -2.79 -28.37 -5.38
C GLY A 276 -1.77 -27.34 -4.92
N ALA A 277 -2.14 -26.49 -3.96
CA ALA A 277 -1.29 -25.43 -3.38
C ALA A 277 -0.67 -25.94 -2.08
N ASN A 278 0.52 -25.43 -1.73
CA ASN A 278 1.24 -25.77 -0.47
C ASN A 278 0.23 -25.75 0.67
N PRO A 279 0.03 -26.87 1.41
CA PRO A 279 -0.86 -26.89 2.57
C PRO A 279 -0.51 -25.89 3.69
N LEU A 280 0.75 -25.43 3.75
CA LEU A 280 1.19 -24.36 4.69
C LEU A 280 0.57 -23.02 4.26
N ALA A 281 0.45 -22.80 2.95
CA ALA A 281 -0.17 -21.59 2.35
C ALA A 281 -1.67 -21.57 2.71
N VAL A 282 -2.35 -22.71 2.58
CA VAL A 282 -3.81 -22.85 2.86
C VAL A 282 -4.07 -22.50 4.32
N ASP A 283 -3.21 -22.97 5.24
CA ASP A 283 -3.33 -22.73 6.70
C ASP A 283 -3.25 -21.21 6.96
N LEU A 284 -2.35 -20.51 6.26
CA LEU A 284 -2.14 -19.05 6.42
C LEU A 284 -3.36 -18.30 5.88
N LEU A 285 -3.83 -18.66 4.68
CA LEU A 285 -5.06 -18.10 4.03
C LEU A 285 -6.24 -18.18 5.00
N GLU A 286 -6.45 -19.35 5.61
CA GLU A 286 -7.55 -19.62 6.58
C GLU A 286 -7.44 -18.64 7.77
N LYS A 287 -6.22 -18.25 8.14
CA LYS A 287 -5.96 -17.35 9.30
C LYS A 287 -6.03 -15.87 8.86
N MET A 288 -6.00 -15.60 7.54
CA MET A 288 -6.04 -14.22 6.98
C MET A 288 -7.47 -13.84 6.60
N LEU A 289 -8.23 -14.75 6.01
CA LEU A 289 -9.57 -14.48 5.45
C LEU A 289 -10.66 -14.94 6.43
N VAL A 290 -10.71 -14.32 7.62
CA VAL A 290 -11.82 -14.44 8.61
C VAL A 290 -12.51 -13.07 8.68
N LEU A 291 -13.85 -13.06 8.68
CA LEU A 291 -14.66 -11.80 8.64
C LEU A 291 -14.38 -10.97 9.88
N ASP A 292 -14.31 -11.62 11.05
CA ASP A 292 -14.06 -10.99 12.37
C ASP A 292 -12.61 -10.49 12.40
N SER A 293 -12.42 -9.17 12.34
CA SER A 293 -11.11 -8.47 12.39
C SER A 293 -10.32 -8.84 13.66
N ASP A 294 -11.02 -9.14 14.76
CA ASP A 294 -10.39 -9.48 16.08
C ASP A 294 -9.77 -10.88 16.02
N LYS A 295 -10.30 -11.77 15.17
CA LYS A 295 -9.87 -13.20 15.07
C LYS A 295 -8.76 -13.32 14.02
N ARG A 296 -8.57 -12.30 13.19
CA ARG A 296 -7.70 -12.34 11.98
C ARG A 296 -6.24 -12.16 12.40
N ILE A 297 -5.33 -12.90 11.76
CA ILE A 297 -3.87 -12.91 12.07
C ILE A 297 -3.29 -11.51 11.85
N THR A 298 -2.32 -11.11 12.68
CA THR A 298 -1.57 -9.83 12.52
C THR A 298 -0.35 -10.09 11.63
N ALA A 299 0.24 -9.03 11.08
CA ALA A 299 1.52 -9.08 10.32
C ALA A 299 2.59 -9.74 11.20
N ALA A 300 2.79 -9.25 12.43
CA ALA A 300 3.76 -9.76 13.41
C ALA A 300 3.59 -11.28 13.61
N GLN A 301 2.35 -11.74 13.74
CA GLN A 301 2.02 -13.18 13.93
C GLN A 301 2.30 -13.96 12.63
N ALA A 302 1.86 -13.42 11.49
CA ALA A 302 1.91 -14.10 10.16
C ALA A 302 3.35 -14.40 9.76
N LEU A 303 4.29 -13.48 10.02
CA LEU A 303 5.73 -13.67 9.75
C LEU A 303 6.22 -14.98 10.39
N ALA A 304 5.73 -15.28 11.60
CA ALA A 304 6.17 -16.42 12.44
C ALA A 304 5.53 -17.74 11.98
N HIS A 305 4.57 -17.69 11.05
CA HIS A 305 3.90 -18.88 10.44
C HIS A 305 4.95 -19.70 9.68
N ALA A 306 4.81 -21.04 9.72
CA ALA A 306 5.78 -22.03 9.20
C ALA A 306 6.01 -21.84 7.70
N TYR A 307 5.03 -21.29 6.98
CA TYR A 307 5.09 -21.01 5.51
C TYR A 307 6.36 -20.19 5.20
N PHE A 308 6.77 -19.30 6.11
CA PHE A 308 7.91 -18.37 5.94
C PHE A 308 9.16 -18.84 6.68
N ALA A 309 9.20 -20.10 7.14
CA ALA A 309 10.28 -20.68 7.99
C ALA A 309 11.66 -20.40 7.38
N GLN A 310 11.75 -20.37 6.05
CA GLN A 310 13.00 -20.13 5.29
C GLN A 310 13.52 -18.71 5.58
N TYR A 311 12.63 -17.70 5.53
CA TYR A 311 12.99 -16.25 5.49
C TYR A 311 12.86 -15.59 6.87
N HIS A 312 12.04 -16.15 7.77
CA HIS A 312 11.66 -15.52 9.07
C HIS A 312 12.92 -15.28 9.92
N ASP A 313 12.97 -14.13 10.61
CA ASP A 313 14.05 -13.76 11.58
C ASP A 313 13.54 -12.62 12.45
N PRO A 314 13.17 -12.88 13.73
CA PRO A 314 12.64 -11.81 14.60
C PRO A 314 13.69 -10.78 15.06
N ASP A 315 14.94 -10.93 14.61
CA ASP A 315 16.06 -9.99 14.88
C ASP A 315 16.20 -9.00 13.71
N ASP A 316 15.52 -9.25 12.59
CA ASP A 316 15.57 -8.42 11.36
C ASP A 316 14.16 -8.32 10.75
N GLU A 317 13.16 -8.09 11.61
CA GLU A 317 11.77 -7.72 11.22
C GLU A 317 11.37 -6.51 12.08
N PRO A 318 12.00 -5.34 11.84
CA PRO A 318 11.96 -4.23 12.79
C PRO A 318 10.64 -3.44 12.79
N VAL A 319 10.37 -2.76 13.91
CA VAL A 319 9.22 -1.83 14.09
C VAL A 319 9.71 -0.41 13.75
N ALA A 320 8.77 0.49 13.44
CA ALA A 320 9.04 1.89 13.06
C ALA A 320 9.13 2.75 14.33
N ASP A 321 9.72 3.94 14.21
CA ASP A 321 9.69 4.99 15.26
C ASP A 321 8.26 5.50 15.41
N PRO A 322 7.89 6.12 16.55
CA PRO A 322 6.56 6.71 16.71
C PRO A 322 6.31 7.79 15.64
N TYR A 323 5.10 7.81 15.08
CA TYR A 323 4.67 8.75 14.01
C TYR A 323 3.57 9.69 14.55
N ASP A 324 3.77 11.00 14.39
CA ASP A 324 2.82 12.06 14.83
C ASP A 324 1.68 12.17 13.81
N GLN A 325 0.51 11.59 14.12
CA GLN A 325 -0.70 11.61 13.26
C GLN A 325 -1.72 12.64 13.77
N SER A 326 -1.30 13.56 14.64
CA SER A 326 -2.17 14.55 15.31
C SER A 326 -2.78 15.51 14.27
N PHE A 327 -2.13 15.67 13.11
CA PHE A 327 -2.53 16.60 12.02
C PHE A 327 -3.81 16.11 11.33
N GLU A 328 -4.08 14.80 11.36
CA GLU A 328 -5.26 14.19 10.67
C GLU A 328 -6.55 14.84 11.18
N SER A 329 -6.65 15.09 12.49
CA SER A 329 -7.84 15.68 13.16
C SER A 329 -7.98 17.16 12.78
N ARG A 330 -6.86 17.85 12.53
CA ARG A 330 -6.80 19.33 12.36
C ARG A 330 -7.47 19.75 11.05
N ASP A 331 -8.08 20.94 11.06
CA ASP A 331 -8.97 21.49 10.01
C ASP A 331 -8.45 22.88 9.64
N LEU A 332 -7.69 23.00 8.55
CA LEU A 332 -6.97 24.24 8.14
C LEU A 332 -7.33 24.61 6.69
N LEU A 333 -6.90 25.79 6.24
CA LEU A 333 -7.09 26.30 4.85
C LEU A 333 -5.97 25.77 3.96
N ILE A 334 -6.12 25.90 2.64
CA ILE A 334 -5.15 25.36 1.64
C ILE A 334 -3.80 26.05 1.82
N ASP A 335 -3.80 27.37 2.03
CA ASP A 335 -2.56 28.17 2.18
C ASP A 335 -1.79 27.73 3.43
N GLU A 336 -2.50 27.19 4.44
CA GLU A 336 -1.89 26.74 5.73
C GLU A 336 -1.22 25.38 5.52
N TRP A 337 -1.92 24.43 4.89
CA TRP A 337 -1.37 23.09 4.51
C TRP A 337 -0.16 23.29 3.60
N LYS A 338 -0.30 24.11 2.55
CA LYS A 338 0.78 24.40 1.58
C LYS A 338 2.04 24.84 2.33
N SER A 339 1.92 25.80 3.24
CA SER A 339 3.04 26.32 4.09
C SER A 339 3.66 25.15 4.87
N LEU A 340 2.82 24.37 5.56
CA LEU A 340 3.24 23.16 6.34
C LEU A 340 3.94 22.16 5.40
N THR A 341 3.39 21.96 4.20
CA THR A 341 4.01 21.13 3.13
C THR A 341 5.36 21.74 2.76
N TYR A 342 5.39 23.03 2.43
CA TYR A 342 6.63 23.75 2.01
C TYR A 342 7.71 23.57 3.09
N ASP A 343 7.36 23.71 4.38
CA ASP A 343 8.28 23.57 5.54
C ASP A 343 8.92 22.18 5.56
N GLU A 344 8.20 21.15 5.09
CA GLU A 344 8.65 19.73 5.08
C GLU A 344 9.64 19.48 3.93
N VAL A 345 9.55 20.26 2.84
CA VAL A 345 10.46 20.15 1.67
C VAL A 345 11.83 20.73 2.03
N ILE A 346 11.84 21.91 2.64
CA ILE A 346 13.06 22.69 3.05
C ILE A 346 13.82 21.90 4.12
N SER A 347 13.12 21.24 5.04
CA SER A 347 13.70 20.53 6.21
C SER A 347 14.16 19.12 5.83
N PHE A 348 13.95 18.68 4.58
CA PHE A 348 14.32 17.32 4.11
C PHE A 348 15.83 17.14 4.18
N VAL A 349 16.26 15.93 4.57
CA VAL A 349 17.69 15.47 4.57
C VAL A 349 17.72 14.04 4.01
N PRO A 350 18.55 13.75 2.99
CA PRO A 350 18.57 12.42 2.38
C PRO A 350 19.22 11.37 3.29
N PRO A 351 19.17 10.07 2.92
CA PRO A 351 19.80 9.01 3.71
C PRO A 351 21.33 9.10 3.70
N PRO A 352 22.01 8.70 4.79
CA PRO A 352 23.48 8.74 4.85
C PRO A 352 24.14 7.58 4.10
O2 SB2 B . -2.31 2.19 -7.26
C1 SB2 B . -2.76 4.07 -9.06
S1 SB2 B . -1.89 2.56 -8.66
CA1 SB2 B . 2.07 3.14 -9.08
CA2 SB2 B . 0.80 2.65 -9.21
CA3 SB2 B . -0.23 3.23 -8.50
CA4 SB2 B . 0.02 4.30 -7.64
CA5 SB2 B . 1.31 4.78 -7.52
CA6 SB2 B . 2.35 4.23 -8.26
NB1 SB2 B . 9.66 2.91 -9.48
CB2 SB2 B . 8.60 2.91 -10.29
CB3 SB2 B . 7.39 3.45 -9.93
CB4 SB2 B . 7.23 4.04 -8.69
CB5 SB2 B . 8.32 4.02 -7.83
CB6 SB2 B . 9.51 3.45 -8.27
NC1 SB2 B . 4.77 3.98 -8.63
CC2 SB2 B . 3.73 4.66 -8.11
NC3 SB2 B . 4.16 5.68 -7.37
CC4 SB2 B . 5.56 5.66 -7.47
CC5 SB2 B . 5.94 4.59 -8.26
CD1 SB2 B . 7.50 7.21 -7.40
CD2 SB2 B . 8.31 8.11 -6.74
CD3 SB2 B . 8.01 8.42 -5.44
CD4 SB2 B . 6.95 7.89 -4.77
CD5 SB2 B . 6.14 6.98 -5.44
CD6 SB2 B . 6.38 6.65 -6.77
FD3 SB2 B . 8.82 9.30 -4.79
H11 SB2 B . -2.52 4.77 -8.43
H12 SB2 B . -3.72 3.91 -9.01
H13 SB2 B . -2.54 4.34 -9.96
HA1 SB2 B . 2.77 2.73 -9.57
HA2 SB2 B . 0.62 1.93 -9.78
HA4 SB2 B . -0.68 4.68 -7.15
HA5 SB2 B . 1.49 5.50 -6.95
HB2 SB2 B . 8.69 2.54 -11.14
HB3 SB2 B . 6.66 3.44 -10.54
HB5 SB2 B . 8.26 4.39 -6.98
HB6 SB2 B . 10.24 3.47 -7.69
HN1 SB2 B . 4.72 3.27 -9.13
HD1 SB2 B . 7.69 6.98 -8.29
HD2 SB2 B . 9.05 8.50 -7.17
HD4 SB2 B . 6.78 8.12 -3.88
HD5 SB2 B . 5.41 6.60 -4.99
MG MG C . 11.45 3.36 3.36
MG MG D . 4.02 2.60 -11.90
#